data_4N69
#
_entry.id   4N69
#
_cell.length_a   111.368
_cell.length_b   111.368
_cell.length_c   143.456
_cell.angle_alpha   90.00
_cell.angle_beta   90.00
_cell.angle_gamma   120.00
#
_symmetry.space_group_name_H-M   'H 3'
#
loop_
_entity.id
_entity.type
_entity.pdbx_description
1 polymer 'Serine Acetyltransferase Apoenzyme'
2 non-polymer SERINE
3 non-polymer 'PHOSPHATE ION'
4 water water
#
_entity_poly.entity_id   1
_entity_poly.type   'polypeptide(L)'
_entity_poly.pdbx_seq_one_letter_code
;MPTGLPAANSLVAPDEEGWVWGQIKAEARRDAESEPALASYLYSTILSHSSLERSLSFHLGNKLCSSTLLSTLLYDLFLN
AFSSDPSLRSAAVADLRAARERDPACVSYSHCLLNYKGFLACQAHRVAHLLWRQSRRPLALALHSRIANVFAVDIHPAAR
IGKGILFDHATGVVVGETAVIGNNVSILHHVTLGGTGKVGGDRHPKIGDGVLIGAGATILGNIKIGEGAKVGAGSVVLID
VPPRTTAVGNPARLVGGKEKPSKHEDVPGESMDHTSFISEWSDYII
;
_entity_poly.pdbx_strand_id   A,B
#
# COMPACT_ATOMS: atom_id res chain seq x y z
N ALA A 13 6.80 -1.58 -13.37
CA ALA A 13 7.28 -2.25 -12.17
C ALA A 13 6.09 -2.75 -11.33
N PRO A 14 6.10 -4.04 -10.98
CA PRO A 14 4.95 -4.64 -10.30
C PRO A 14 4.82 -4.26 -8.82
N ASP A 15 5.84 -3.64 -8.23
CA ASP A 15 5.74 -3.26 -6.82
C ASP A 15 4.81 -2.06 -6.68
N GLU A 16 4.41 -1.77 -5.45
CA GLU A 16 3.44 -0.71 -5.19
C GLU A 16 3.91 0.66 -5.68
N GLU A 17 5.10 1.07 -5.27
CA GLU A 17 5.62 2.34 -5.72
C GLU A 17 5.80 2.34 -7.24
N GLY A 18 6.29 1.22 -7.76
CA GLY A 18 6.49 1.08 -9.18
C GLY A 18 5.19 1.26 -9.97
N TRP A 19 4.12 0.67 -9.46
CA TRP A 19 2.82 0.77 -10.12
C TRP A 19 2.30 2.21 -10.08
N VAL A 20 2.38 2.84 -8.91
CA VAL A 20 1.97 4.23 -8.76
C VAL A 20 2.76 5.14 -9.71
N TRP A 21 4.06 4.94 -9.75
CA TRP A 21 4.90 5.75 -10.65
C TRP A 21 4.49 5.52 -12.11
N GLY A 22 4.19 4.28 -12.46
CA GLY A 22 3.71 3.95 -13.79
C GLY A 22 2.43 4.68 -14.14
N GLN A 23 1.52 4.78 -13.17
CA GLN A 23 0.27 5.52 -13.37
C GLN A 23 0.53 7.02 -13.57
N ILE A 24 1.45 7.56 -12.77
CA ILE A 24 1.81 8.96 -12.87
C ILE A 24 2.32 9.23 -14.29
N LYS A 25 3.15 8.35 -14.82
CA LYS A 25 3.74 8.62 -16.14
C LYS A 25 2.66 8.57 -17.22
N ALA A 26 1.80 7.56 -17.15
CA ALA A 26 0.74 7.39 -18.14
C ALA A 26 -0.16 8.61 -18.15
N GLU A 27 -0.54 9.09 -16.95
CA GLU A 27 -1.39 10.27 -16.82
C GLU A 27 -0.71 11.53 -17.37
N ALA A 28 0.54 11.72 -17.01
CA ALA A 28 1.29 12.88 -17.49
C ALA A 28 1.40 12.88 -19.01
N ARG A 29 1.58 11.69 -19.59
CA ARG A 29 1.69 11.55 -21.03
C ARG A 29 0.38 11.98 -21.72
N ARG A 30 -0.76 11.60 -21.15
CA ARG A 30 -2.04 11.99 -21.73
C ARG A 30 -2.22 13.49 -21.61
N ASP A 31 -1.83 14.06 -20.46
CA ASP A 31 -1.94 15.49 -20.28
C ASP A 31 -1.02 16.23 -21.24
N ALA A 32 0.20 15.73 -21.44
CA ALA A 32 1.13 16.39 -22.34
C ALA A 32 0.59 16.36 -23.77
N GLU A 33 0.00 15.23 -24.15
CA GLU A 33 -0.54 15.10 -25.50
C GLU A 33 -1.73 16.02 -25.73
N SER A 34 -2.50 16.30 -24.67
CA SER A 34 -3.73 17.06 -24.85
C SER A 34 -3.52 18.57 -24.65
N GLU A 35 -2.45 18.96 -23.97
CA GLU A 35 -2.22 20.38 -23.68
C GLU A 35 -0.79 20.82 -24.01
N PRO A 36 -0.60 21.36 -25.21
CA PRO A 36 0.76 21.73 -25.63
C PRO A 36 1.39 22.80 -24.76
N ALA A 37 0.61 23.62 -24.07
CA ALA A 37 1.20 24.63 -23.18
C ALA A 37 1.92 23.99 -21.99
N LEU A 38 1.54 22.78 -21.63
CA LEU A 38 2.12 22.11 -20.46
C LEU A 38 3.06 20.94 -20.83
N ALA A 39 3.14 20.62 -22.12
CA ALA A 39 3.86 19.41 -22.57
C ALA A 39 5.32 19.40 -22.14
N SER A 40 6.04 20.50 -22.32
CA SER A 40 7.47 20.51 -21.99
C SER A 40 7.72 20.39 -20.49
N TYR A 41 6.87 21.05 -19.72
CA TYR A 41 6.96 21.01 -18.27
C TYR A 41 6.66 19.59 -17.75
N LEU A 42 5.70 18.91 -18.37
CA LEU A 42 5.41 17.54 -17.96
C LEU A 42 6.55 16.61 -18.36
N TYR A 43 7.17 16.89 -19.50
CA TYR A 43 8.32 16.11 -19.94
C TYR A 43 9.50 16.31 -18.98
N SER A 44 9.86 17.55 -18.70
N SER A 44 9.84 17.56 -18.72
CA SER A 44 11.04 17.79 -17.86
CA SER A 44 10.97 17.89 -17.84
C SER A 44 10.82 17.28 -16.43
C SER A 44 10.80 17.27 -16.46
N THR A 45 9.62 17.46 -15.89
CA THR A 45 9.34 17.08 -14.52
C THR A 45 9.12 15.58 -14.35
N ILE A 46 8.33 14.98 -15.23
CA ILE A 46 7.92 13.60 -15.05
C ILE A 46 8.43 12.64 -16.12
N LEU A 47 8.10 12.90 -17.38
CA LEU A 47 8.31 11.89 -18.43
C LEU A 47 9.80 11.59 -18.71
N SER A 48 10.67 12.57 -18.47
CA SER A 48 12.10 12.36 -18.69
C SER A 48 12.79 11.60 -17.57
N HIS A 49 12.05 11.22 -16.54
CA HIS A 49 12.65 10.54 -15.39
C HIS A 49 12.18 9.11 -15.27
N SER A 50 12.87 8.35 -14.43
N SER A 50 12.87 8.33 -14.44
CA SER A 50 12.57 6.94 -14.22
CA SER A 50 12.50 6.93 -14.24
C SER A 50 12.16 6.62 -12.78
C SER A 50 12.17 6.62 -12.78
N SER A 51 11.98 7.65 -11.96
CA SER A 51 11.53 7.41 -10.59
C SER A 51 10.67 8.54 -10.06
N LEU A 52 9.83 8.18 -9.10
CA LEU A 52 9.03 9.15 -8.37
C LEU A 52 9.92 10.11 -7.59
N GLU A 53 10.96 9.58 -6.96
CA GLU A 53 11.88 10.41 -6.16
C GLU A 53 12.54 11.50 -6.97
N ARG A 54 13.04 11.14 -8.16
CA ARG A 54 13.73 12.16 -8.95
C ARG A 54 12.74 13.21 -9.46
N SER A 55 11.56 12.78 -9.86
N SER A 55 11.56 12.76 -9.88
CA SER A 55 10.56 13.72 -10.36
CA SER A 55 10.52 13.65 -10.35
C SER A 55 10.06 14.65 -9.26
C SER A 55 10.08 14.63 -9.27
N LEU A 56 9.80 14.09 -8.09
CA LEU A 56 9.39 14.93 -6.94
C LEU A 56 10.50 15.90 -6.52
N SER A 57 11.75 15.44 -6.53
CA SER A 57 12.86 16.33 -6.15
C SER A 57 13.01 17.47 -7.15
N PHE A 58 12.88 17.11 -8.43
CA PHE A 58 12.96 18.09 -9.54
C PHE A 58 11.88 19.14 -9.38
N HIS A 59 10.66 18.67 -9.12
CA HIS A 59 9.54 19.57 -9.01
C HIS A 59 9.66 20.45 -7.77
N LEU A 60 10.01 19.85 -6.64
CA LEU A 60 10.15 20.63 -5.41
C LEU A 60 11.29 21.64 -5.55
N GLY A 61 12.37 21.25 -6.23
CA GLY A 61 13.47 22.18 -6.44
C GLY A 61 13.05 23.44 -7.19
N ASN A 62 12.24 23.25 -8.22
CA ASN A 62 11.72 24.38 -8.98
C ASN A 62 10.70 25.19 -8.19
N LYS A 63 9.78 24.50 -7.53
CA LYS A 63 8.76 25.22 -6.77
C LYS A 63 9.33 26.11 -5.68
N LEU A 64 10.41 25.66 -5.05
CA LEU A 64 10.87 26.30 -3.82
C LEU A 64 12.11 27.19 -4.00
N CYS A 65 12.65 27.23 -5.21
CA CYS A 65 13.87 27.99 -5.43
C CYS A 65 13.60 29.48 -5.22
N SER A 66 14.67 30.23 -4.97
CA SER A 66 14.55 31.65 -4.69
C SER A 66 15.88 32.26 -5.06
N SER A 67 16.07 33.56 -4.87
CA SER A 67 17.38 34.13 -5.16
C SER A 67 18.44 33.61 -4.15
N THR A 68 17.98 33.13 -3.01
CA THR A 68 18.87 32.56 -2.01
C THR A 68 19.24 31.11 -2.33
N LEU A 69 18.28 30.37 -2.88
CA LEU A 69 18.38 28.92 -3.04
C LEU A 69 18.18 28.49 -4.50
N LEU A 70 19.24 28.09 -5.18
CA LEU A 70 19.14 27.64 -6.58
C LEU A 70 18.21 26.44 -6.70
N SER A 71 17.44 26.36 -7.79
CA SER A 71 16.63 25.17 -8.00
C SER A 71 17.50 23.90 -8.09
N THR A 72 18.68 24.02 -8.69
CA THR A 72 19.55 22.85 -8.82
C THR A 72 20.09 22.42 -7.44
N LEU A 73 20.35 23.38 -6.56
CA LEU A 73 20.78 23.05 -5.21
C LEU A 73 19.67 22.32 -4.45
N LEU A 74 18.47 22.87 -4.52
CA LEU A 74 17.34 22.24 -3.82
C LEU A 74 17.03 20.87 -4.42
N TYR A 75 17.09 20.77 -5.76
CA TYR A 75 16.96 19.47 -6.44
C TYR A 75 17.92 18.43 -5.85
N ASP A 76 19.20 18.79 -5.70
CA ASP A 76 20.20 17.92 -5.06
C ASP A 76 19.81 17.55 -3.63
N LEU A 77 19.42 18.56 -2.87
CA LEU A 77 19.08 18.35 -1.46
C LEU A 77 17.94 17.35 -1.31
N PHE A 78 16.89 17.55 -2.08
CA PHE A 78 15.74 16.64 -2.02
C PHE A 78 16.10 15.25 -2.52
N LEU A 79 16.83 15.18 -3.62
CA LEU A 79 17.17 13.89 -4.18
C LEU A 79 18.07 13.08 -3.23
N ASN A 80 19.07 13.75 -2.67
CA ASN A 80 19.94 13.12 -1.67
C ASN A 80 19.16 12.57 -0.48
N ALA A 81 18.19 13.35 -0.01
CA ALA A 81 17.39 12.91 1.13
C ALA A 81 16.56 11.67 0.79
N PHE A 82 15.87 11.69 -0.34
CA PHE A 82 15.04 10.56 -0.74
C PHE A 82 15.86 9.30 -1.03
N SER A 83 17.00 9.48 -1.69
CA SER A 83 17.86 8.35 -2.01
C SER A 83 18.48 7.71 -0.75
N SER A 84 18.65 8.50 0.30
CA SER A 84 19.33 8.01 1.49
C SER A 84 18.37 7.56 2.60
N ASP A 85 17.09 7.88 2.47
CA ASP A 85 16.13 7.64 3.55
C ASP A 85 14.90 6.90 3.04
N PRO A 86 14.91 5.55 3.13
CA PRO A 86 13.80 4.70 2.66
C PRO A 86 12.44 5.11 3.24
N SER A 87 12.43 5.61 4.47
CA SER A 87 11.16 5.97 5.09
C SER A 87 10.54 7.20 4.42
N LEU A 88 11.36 8.09 3.86
CA LEU A 88 10.84 9.24 3.13
C LEU A 88 10.10 8.79 1.87
N ARG A 89 10.66 7.79 1.19
CA ARG A 89 10.03 7.26 -0.03
C ARG A 89 8.71 6.57 0.30
N SER A 90 8.71 5.79 1.38
CA SER A 90 7.49 5.12 1.85
C SER A 90 6.40 6.13 2.19
N ALA A 91 6.81 7.22 2.83
CA ALA A 91 5.85 8.25 3.25
C ALA A 91 5.26 8.97 2.04
N ALA A 92 6.08 9.23 1.03
CA ALA A 92 5.59 9.93 -0.15
C ALA A 92 4.54 9.07 -0.86
N VAL A 93 4.81 7.78 -1.00
CA VAL A 93 3.87 6.86 -1.61
C VAL A 93 2.59 6.76 -0.76
N ALA A 94 2.76 6.67 0.55
CA ALA A 94 1.60 6.59 1.44
C ALA A 94 0.71 7.84 1.31
N ASP A 95 1.32 9.02 1.17
CA ASP A 95 0.57 10.26 1.08
C ASP A 95 -0.13 10.38 -0.28
N LEU A 96 0.51 9.88 -1.34
CA LEU A 96 -0.12 9.79 -2.65
C LEU A 96 -1.33 8.87 -2.62
N ARG A 97 -1.17 7.75 -1.94
CA ARG A 97 -2.26 6.80 -1.78
C ARG A 97 -3.40 7.43 -0.98
N ALA A 98 -3.05 8.19 0.05
CA ALA A 98 -4.08 8.81 0.90
C ALA A 98 -4.91 9.81 0.09
N ALA A 99 -4.25 10.58 -0.78
CA ALA A 99 -4.97 11.53 -1.62
C ALA A 99 -5.86 10.80 -2.61
N ARG A 100 -5.30 9.79 -3.26
CA ARG A 100 -6.04 9.01 -4.24
C ARG A 100 -7.27 8.35 -3.62
N GLU A 101 -7.16 7.99 -2.34
CA GLU A 101 -8.26 7.30 -1.66
C GLU A 101 -9.25 8.23 -0.96
N ARG A 102 -8.76 9.29 -0.33
CA ARG A 102 -9.60 10.08 0.58
C ARG A 102 -9.89 11.51 0.11
N ASP A 103 -9.18 12.00 -0.90
CA ASP A 103 -9.41 13.38 -1.37
C ASP A 103 -10.82 13.47 -1.94
N PRO A 104 -11.62 14.39 -1.37
CA PRO A 104 -13.01 14.56 -1.82
C PRO A 104 -13.08 15.01 -3.29
N ALA A 105 -12.02 15.64 -3.78
CA ALA A 105 -11.99 16.09 -5.17
C ALA A 105 -11.50 14.98 -6.10
N CYS A 106 -11.21 13.82 -5.51
CA CYS A 106 -10.81 12.63 -6.28
C CYS A 106 -9.59 12.87 -7.18
N VAL A 107 -8.51 13.34 -6.59
CA VAL A 107 -7.33 13.67 -7.39
C VAL A 107 -6.61 12.43 -7.93
N SER A 108 -6.16 12.52 -9.18
CA SER A 108 -5.28 11.52 -9.79
C SER A 108 -3.89 11.59 -9.18
N TYR A 109 -3.09 10.54 -9.36
CA TYR A 109 -1.74 10.52 -8.80
C TYR A 109 -0.86 11.63 -9.36
N SER A 110 -0.86 11.81 -10.68
CA SER A 110 0.03 12.81 -11.25
C SER A 110 -0.39 14.21 -10.85
N HIS A 111 -1.71 14.42 -10.70
CA HIS A 111 -2.17 15.76 -10.39
C HIS A 111 -1.86 16.06 -8.93
N CYS A 112 -1.89 15.03 -8.10
CA CYS A 112 -1.49 15.18 -6.70
C CYS A 112 -0.02 15.56 -6.66
N LEU A 113 0.80 14.77 -7.36
CA LEU A 113 2.24 15.02 -7.40
C LEU A 113 2.58 16.44 -7.83
N LEU A 114 1.90 16.92 -8.87
CA LEU A 114 2.24 18.21 -9.47
C LEU A 114 1.57 19.41 -8.82
N ASN A 115 0.31 19.26 -8.42
CA ASN A 115 -0.51 20.43 -8.08
C ASN A 115 -0.98 20.53 -6.64
N TYR A 116 -0.91 19.43 -5.89
CA TYR A 116 -1.48 19.45 -4.55
C TYR A 116 -0.49 20.03 -3.55
N LYS A 117 -0.81 21.23 -3.07
CA LYS A 117 0.12 21.98 -2.24
C LYS A 117 0.32 21.34 -0.90
N GLY A 118 -0.74 20.72 -0.35
CA GLY A 118 -0.58 20.02 0.90
C GLY A 118 0.41 18.87 0.76
N PHE A 119 0.19 18.04 -0.24
CA PHE A 119 1.10 16.92 -0.52
C PHE A 119 2.55 17.37 -0.69
N LEU A 120 2.75 18.41 -1.50
CA LEU A 120 4.11 18.85 -1.80
C LEU A 120 4.79 19.45 -0.56
N ALA A 121 4.08 20.31 0.14
CA ALA A 121 4.60 20.91 1.37
C ALA A 121 4.97 19.84 2.38
N CYS A 122 4.15 18.80 2.44
CA CYS A 122 4.39 17.72 3.38
C CYS A 122 5.68 16.97 3.05
N GLN A 123 5.89 16.63 1.79
CA GLN A 123 7.11 15.90 1.45
C GLN A 123 8.33 16.78 1.73
N ALA A 124 8.22 18.06 1.37
CA ALA A 124 9.32 18.99 1.59
C ALA A 124 9.58 19.16 3.09
N HIS A 125 8.52 19.17 3.88
CA HIS A 125 8.66 19.26 5.34
C HIS A 125 9.42 18.06 5.90
N ARG A 126 9.15 16.87 5.38
CA ARG A 126 9.84 15.67 5.85
C ARG A 126 11.35 15.79 5.66
N VAL A 127 11.77 16.43 4.57
CA VAL A 127 13.18 16.70 4.35
C VAL A 127 13.70 17.78 5.32
N ALA A 128 12.90 18.81 5.57
CA ALA A 128 13.27 19.82 6.56
C ALA A 128 13.43 19.19 7.95
N HIS A 129 12.55 18.24 8.27
CA HIS A 129 12.62 17.56 9.56
C HIS A 129 13.90 16.73 9.67
N LEU A 130 14.28 16.11 8.56
CA LEU A 130 15.51 15.33 8.52
C LEU A 130 16.73 16.25 8.72
N LEU A 131 16.75 17.37 8.01
CA LEU A 131 17.83 18.36 8.19
C LEU A 131 17.90 18.81 9.64
N TRP A 132 16.74 19.09 10.23
CA TRP A 132 16.65 19.49 11.63
C TRP A 132 17.29 18.45 12.53
N ARG A 133 16.96 17.19 12.26
CA ARG A 133 17.52 16.07 13.02
C ARG A 133 19.02 15.90 12.78
N GLN A 134 19.48 16.26 11.57
CA GLN A 134 20.89 16.13 11.20
C GLN A 134 21.73 17.35 11.60
N SER A 135 21.19 18.14 12.54
CA SER A 135 21.86 19.35 13.02
C SER A 135 22.16 20.39 11.93
N ARG A 136 21.28 20.46 10.92
CA ARG A 136 21.34 21.55 9.95
C ARG A 136 20.07 22.41 10.12
N ARG A 137 19.94 23.02 11.29
CA ARG A 137 18.72 23.77 11.62
C ARG A 137 18.56 25.09 10.87
N PRO A 138 19.64 25.89 10.70
CA PRO A 138 19.46 27.06 9.83
C PRO A 138 18.89 26.74 8.45
N LEU A 139 19.41 25.69 7.82
CA LEU A 139 18.92 25.29 6.50
C LEU A 139 17.50 24.72 6.59
N ALA A 140 17.22 23.95 7.64
CA ALA A 140 15.88 23.40 7.84
C ALA A 140 14.88 24.54 7.91
N LEU A 141 15.25 25.60 8.63
CA LEU A 141 14.37 26.73 8.81
C LEU A 141 14.23 27.55 7.52
N ALA A 142 15.31 27.62 6.76
CA ALA A 142 15.26 28.30 5.46
C ALA A 142 14.30 27.57 4.54
N LEU A 143 14.38 26.25 4.55
CA LEU A 143 13.50 25.44 3.71
C LEU A 143 12.05 25.61 4.17
N HIS A 144 11.86 25.55 5.50
CA HIS A 144 10.54 25.78 6.11
C HIS A 144 9.91 27.11 5.68
N SER A 145 10.69 28.18 5.68
CA SER A 145 10.18 29.49 5.25
CA SER A 145 10.21 29.49 5.25
C SER A 145 9.70 29.47 3.80
N ARG A 146 10.43 28.79 2.92
CA ARG A 146 10.02 28.69 1.51
C ARG A 146 8.75 27.88 1.35
N ILE A 147 8.66 26.78 2.11
CA ILE A 147 7.47 25.93 2.06
C ILE A 147 6.24 26.75 2.44
N ALA A 148 6.39 27.58 3.47
CA ALA A 148 5.31 28.46 3.91
C ALA A 148 4.96 29.48 2.81
N ASN A 149 6.01 30.16 2.31
CA ASN A 149 5.92 31.08 1.17
C ASN A 149 5.10 30.52 0.03
N VAL A 150 5.48 29.32 -0.41
CA VAL A 150 5.03 28.80 -1.69
C VAL A 150 3.77 27.94 -1.59
N PHE A 151 3.64 27.18 -0.50
CA PHE A 151 2.56 26.21 -0.41
C PHE A 151 1.51 26.61 0.62
N ALA A 152 1.72 27.76 1.26
CA ALA A 152 0.84 28.25 2.32
C ALA A 152 0.64 27.18 3.40
N VAL A 153 1.72 26.49 3.73
CA VAL A 153 1.72 25.47 4.76
C VAL A 153 2.86 25.75 5.74
N ASP A 154 2.52 26.00 7.00
CA ASP A 154 3.52 26.36 8.01
C ASP A 154 3.63 25.24 9.03
N ILE A 155 4.55 24.32 8.76
CA ILE A 155 4.84 23.21 9.66
C ILE A 155 6.26 23.37 10.17
N HIS A 156 6.44 23.57 11.46
CA HIS A 156 7.79 23.73 12.00
C HIS A 156 8.62 22.47 11.76
N PRO A 157 9.89 22.63 11.37
CA PRO A 157 10.73 21.46 11.06
C PRO A 157 10.79 20.43 12.19
N ALA A 158 10.60 20.87 13.43
CA ALA A 158 10.68 19.98 14.59
C ALA A 158 9.36 19.22 14.84
N ALA A 159 8.30 19.60 14.15
CA ALA A 159 7.05 18.86 14.24
C ALA A 159 7.26 17.43 13.74
N ARG A 160 6.59 16.47 14.38
CA ARG A 160 6.66 15.09 13.93
C ARG A 160 5.35 14.68 13.27
N ILE A 161 5.41 14.25 12.03
CA ILE A 161 4.20 13.83 11.32
CA ILE A 161 4.20 13.83 11.32
C ILE A 161 4.36 12.43 10.74
N GLY A 162 3.29 11.65 10.80
CA GLY A 162 3.29 10.30 10.27
C GLY A 162 3.07 10.30 8.77
N LYS A 163 2.53 9.20 8.25
CA LYS A 163 2.29 9.13 6.82
C LYS A 163 0.85 8.77 6.52
N GLY A 164 0.48 8.89 5.25
CA GLY A 164 -0.92 8.73 4.85
C GLY A 164 -1.70 9.97 5.22
N ILE A 165 -1.03 11.13 5.15
CA ILE A 165 -1.61 12.40 5.60
C ILE A 165 -2.34 13.07 4.46
N LEU A 166 -3.57 13.51 4.73
CA LEU A 166 -4.38 14.16 3.72
C LEU A 166 -4.56 15.62 4.09
N PHE A 167 -4.22 16.49 3.16
CA PHE A 167 -4.57 17.90 3.30
C PHE A 167 -5.77 18.21 2.45
N ASP A 168 -6.44 19.29 2.80
CA ASP A 168 -7.50 19.79 1.97
C ASP A 168 -7.54 21.29 2.04
N HIS A 169 -7.17 21.94 0.93
CA HIS A 169 -7.01 23.38 0.87
C HIS A 169 -6.04 23.77 1.97
N ALA A 170 -4.79 23.40 1.73
CA ALA A 170 -3.73 23.49 2.71
C ALA A 170 -3.44 24.91 3.14
N THR A 171 -3.89 25.87 2.34
CA THR A 171 -3.59 27.27 2.60
C THR A 171 -3.90 27.62 4.06
N GLY A 172 -2.92 28.19 4.74
CA GLY A 172 -3.12 28.68 6.08
C GLY A 172 -3.04 27.61 7.16
N VAL A 173 -2.65 26.40 6.79
CA VAL A 173 -2.41 25.36 7.80
C VAL A 173 -1.21 25.75 8.66
N VAL A 174 -1.36 25.62 9.98
CA VAL A 174 -0.27 25.90 10.92
C VAL A 174 -0.08 24.72 11.87
N VAL A 175 1.15 24.21 11.93
CA VAL A 175 1.49 23.11 12.83
C VAL A 175 2.74 23.51 13.61
N GLY A 176 2.59 23.66 14.91
CA GLY A 176 3.65 24.18 15.75
C GLY A 176 4.77 23.21 16.05
N GLU A 177 5.85 23.79 16.58
CA GLU A 177 7.12 23.13 16.85
C GLU A 177 7.05 21.83 17.65
N THR A 178 6.13 21.75 18.59
CA THR A 178 6.10 20.58 19.48
C THR A 178 4.91 19.67 19.19
N ALA A 179 4.21 19.95 18.10
CA ALA A 179 3.07 19.13 17.70
C ALA A 179 3.50 17.74 17.22
N VAL A 180 2.60 16.79 17.37
CA VAL A 180 2.80 15.43 16.87
C VAL A 180 1.55 14.97 16.15
N ILE A 181 1.71 14.53 14.91
CA ILE A 181 0.58 14.03 14.13
C ILE A 181 0.81 12.57 13.73
N GLY A 182 -0.16 11.71 14.04
CA GLY A 182 -0.04 10.30 13.71
C GLY A 182 -0.23 10.00 12.24
N ASN A 183 -0.44 8.72 11.93
CA ASN A 183 -0.66 8.26 10.57
C ASN A 183 -2.10 8.43 10.15
N ASN A 184 -2.33 8.55 8.84
CA ASN A 184 -3.68 8.53 8.26
C ASN A 184 -4.60 9.61 8.84
N VAL A 185 -4.01 10.76 9.12
CA VAL A 185 -4.71 11.92 9.63
C VAL A 185 -5.13 12.83 8.48
N SER A 186 -6.33 13.41 8.60
CA SER A 186 -6.82 14.37 7.63
C SER A 186 -6.94 15.76 8.25
N ILE A 187 -6.26 16.72 7.63
CA ILE A 187 -6.21 18.09 8.13
C ILE A 187 -6.80 19.01 7.08
N LEU A 188 -7.95 19.60 7.38
CA LEU A 188 -8.65 20.37 6.37
C LEU A 188 -8.20 21.83 6.40
N HIS A 189 -8.92 22.66 5.65
CA HIS A 189 -8.54 24.04 5.45
C HIS A 189 -8.46 24.84 6.75
N HIS A 190 -7.40 25.65 6.88
CA HIS A 190 -7.24 26.60 7.98
C HIS A 190 -7.25 25.95 9.34
N VAL A 191 -6.61 24.79 9.45
CA VAL A 191 -6.46 24.16 10.74
C VAL A 191 -5.22 24.73 11.41
N THR A 192 -5.35 24.99 12.70
CA THR A 192 -4.23 25.44 13.51
C THR A 192 -3.98 24.44 14.63
N LEU A 193 -2.79 23.86 14.62
CA LEU A 193 -2.32 23.05 15.73
C LEU A 193 -1.21 23.85 16.39
N GLY A 194 -1.63 24.76 17.28
CA GLY A 194 -0.70 25.72 17.85
C GLY A 194 -0.82 25.86 19.35
N GLY A 195 -0.37 26.99 19.87
CA GLY A 195 -0.35 27.22 21.31
C GLY A 195 -1.15 28.42 21.76
N THR A 196 -1.16 28.64 23.07
CA THR A 196 -1.95 29.70 23.68
C THR A 196 -1.21 31.05 23.69
N GLY A 197 0.04 31.04 23.28
CA GLY A 197 0.87 32.23 23.39
C GLY A 197 1.84 32.11 24.55
N LYS A 198 1.73 31.00 25.29
CA LYS A 198 2.67 30.68 26.37
C LYS A 198 4.06 30.37 25.81
N VAL A 199 5.09 30.91 26.45
CA VAL A 199 6.45 30.83 25.95
C VAL A 199 7.18 29.53 26.34
N GLY A 200 7.67 28.81 25.34
CA GLY A 200 8.55 27.68 25.56
C GLY A 200 7.86 26.36 25.87
N GLY A 201 8.65 25.29 25.86
CA GLY A 201 8.20 23.97 26.28
C GLY A 201 7.24 23.29 25.33
N ASP A 202 6.77 22.11 25.75
CA ASP A 202 5.75 21.37 25.01
C ASP A 202 4.42 22.10 25.15
N ARG A 203 3.91 22.61 24.03
CA ARG A 203 2.78 23.53 24.06
C ARG A 203 1.85 23.35 22.86
N HIS A 204 2.07 22.29 22.09
CA HIS A 204 1.30 22.02 20.89
C HIS A 204 0.67 20.61 20.93
N PRO A 205 -0.46 20.42 20.22
CA PRO A 205 -1.28 19.20 20.36
C PRO A 205 -0.63 17.91 19.88
N LYS A 206 -1.15 16.80 20.39
CA LYS A 206 -0.76 15.48 19.93
C LYS A 206 -1.96 14.82 19.24
N ILE A 207 -1.84 14.59 17.94
CA ILE A 207 -2.96 14.08 17.15
C ILE A 207 -2.80 12.58 16.87
N GLY A 208 -3.75 11.78 17.35
CA GLY A 208 -3.69 10.33 17.17
C GLY A 208 -3.89 9.88 15.73
N ASP A 209 -3.59 8.60 15.47
CA ASP A 209 -3.80 8.01 14.15
C ASP A 209 -5.25 8.14 13.72
N GLY A 210 -5.46 8.39 12.43
CA GLY A 210 -6.79 8.29 11.84
C GLY A 210 -7.76 9.40 12.21
N VAL A 211 -7.23 10.47 12.78
CA VAL A 211 -8.05 11.60 13.21
C VAL A 211 -8.46 12.47 12.02
N LEU A 212 -9.68 12.98 12.04
CA LEU A 212 -10.15 13.93 11.05
C LEU A 212 -10.38 15.28 11.71
N ILE A 213 -9.67 16.30 11.23
CA ILE A 213 -9.81 17.65 11.76
C ILE A 213 -10.47 18.58 10.73
N GLY A 214 -11.67 19.04 11.06
CA GLY A 214 -12.48 19.84 10.15
C GLY A 214 -11.97 21.24 9.88
N ALA A 215 -12.52 21.87 8.84
CA ALA A 215 -12.04 23.17 8.38
C ALA A 215 -12.15 24.24 9.48
N GLY A 216 -11.09 25.02 9.61
CA GLY A 216 -11.04 26.15 10.53
C GLY A 216 -10.89 25.79 11.99
N ALA A 217 -10.69 24.49 12.28
CA ALA A 217 -10.55 24.08 13.67
C ALA A 217 -9.23 24.56 14.23
N THR A 218 -9.25 25.03 15.47
CA THR A 218 -8.03 25.39 16.18
C THR A 218 -7.90 24.50 17.40
N ILE A 219 -6.75 23.86 17.52
CA ILE A 219 -6.48 23.00 18.65
C ILE A 219 -5.25 23.56 19.35
N LEU A 220 -5.45 24.06 20.56
CA LEU A 220 -4.37 24.80 21.22
C LEU A 220 -3.90 24.15 22.51
N GLY A 221 -2.59 24.13 22.70
CA GLY A 221 -2.01 23.66 23.93
C GLY A 221 -1.49 22.25 23.77
N ASN A 222 -0.80 21.74 24.78
CA ASN A 222 -0.34 20.36 24.75
C ASN A 222 -1.46 19.43 25.20
N ILE A 223 -2.41 19.19 24.29
CA ILE A 223 -3.53 18.31 24.58
C ILE A 223 -3.54 17.11 23.61
N LYS A 224 -4.30 16.08 23.99
CA LYS A 224 -4.35 14.83 23.24
C LYS A 224 -5.62 14.74 22.40
N ILE A 225 -5.50 14.55 21.09
CA ILE A 225 -6.67 14.22 20.29
C ILE A 225 -6.63 12.74 19.96
N GLY A 226 -7.53 11.98 20.59
CA GLY A 226 -7.50 10.52 20.53
C GLY A 226 -7.61 9.91 19.15
N GLU A 227 -7.04 8.73 18.98
CA GLU A 227 -7.09 8.00 17.72
C GLU A 227 -8.51 7.83 17.19
N GLY A 228 -8.68 8.10 15.91
CA GLY A 228 -9.96 7.93 15.25
C GLY A 228 -10.99 8.99 15.60
N ALA A 229 -10.59 9.99 16.38
CA ALA A 229 -11.54 11.04 16.78
C ALA A 229 -11.80 11.97 15.61
N LYS A 230 -12.88 12.74 15.71
CA LYS A 230 -13.21 13.74 14.70
C LYS A 230 -13.37 15.10 15.37
N VAL A 231 -12.82 16.14 14.75
CA VAL A 231 -13.04 17.50 15.24
C VAL A 231 -13.88 18.28 14.23
N GLY A 232 -15.02 18.80 14.68
CA GLY A 232 -15.93 19.49 13.80
C GLY A 232 -15.36 20.80 13.29
N ALA A 233 -15.83 21.22 12.12
CA ALA A 233 -15.37 22.48 11.55
C ALA A 233 -15.58 23.63 12.52
N GLY A 234 -14.62 24.56 12.54
CA GLY A 234 -14.74 25.78 13.32
C GLY A 234 -14.56 25.60 14.80
N SER A 235 -14.22 24.39 15.24
CA SER A 235 -14.06 24.14 16.67
C SER A 235 -12.84 24.81 17.28
N VAL A 236 -12.94 25.18 18.54
CA VAL A 236 -11.78 25.57 19.32
C VAL A 236 -11.59 24.52 20.41
N VAL A 237 -10.61 23.66 20.22
CA VAL A 237 -10.40 22.55 21.14
C VAL A 237 -9.31 22.86 22.15
N LEU A 238 -9.68 22.89 23.44
CA LEU A 238 -8.76 23.26 24.50
C LEU A 238 -8.57 22.14 25.51
N ILE A 239 -9.31 21.06 25.35
CA ILE A 239 -9.22 19.91 26.25
C ILE A 239 -9.03 18.62 25.47
N ASP A 240 -8.67 17.55 26.16
CA ASP A 240 -8.45 16.26 25.52
C ASP A 240 -9.72 15.70 24.91
N VAL A 241 -9.58 15.14 23.71
CA VAL A 241 -10.67 14.46 23.03
C VAL A 241 -10.37 12.98 23.02
N PRO A 242 -11.23 12.19 23.66
CA PRO A 242 -11.06 10.74 23.73
C PRO A 242 -11.06 10.10 22.34
N PRO A 243 -10.44 8.93 22.21
CA PRO A 243 -10.43 8.18 20.94
C PRO A 243 -11.84 7.91 20.41
N ARG A 244 -11.97 7.93 19.09
CA ARG A 244 -13.22 7.71 18.35
C ARG A 244 -14.43 8.45 18.91
N THR A 245 -14.20 9.66 19.40
CA THR A 245 -15.28 10.55 19.79
C THR A 245 -15.28 11.78 18.90
N THR A 246 -16.40 12.49 18.86
CA THR A 246 -16.47 13.72 18.07
C THR A 246 -16.53 14.92 18.99
N ALA A 247 -15.66 15.89 18.73
CA ALA A 247 -15.62 17.15 19.48
C ALA A 247 -16.01 18.30 18.56
N VAL A 248 -16.94 19.14 19.02
CA VAL A 248 -17.37 20.26 18.19
C VAL A 248 -17.79 21.44 19.05
N GLY A 249 -17.62 22.65 18.52
CA GLY A 249 -18.05 23.85 19.19
C GLY A 249 -16.94 24.78 19.62
N ASN A 250 -17.34 25.99 20.01
CA ASN A 250 -16.41 26.99 20.52
C ASN A 250 -16.95 27.55 21.83
N PRO A 251 -16.49 26.98 22.96
CA PRO A 251 -15.44 25.98 23.05
C PRO A 251 -15.94 24.56 22.72
N ALA A 252 -15.02 23.67 22.34
CA ALA A 252 -15.40 22.33 21.92
C ALA A 252 -15.83 21.48 23.10
N ARG A 253 -16.90 20.71 22.88
CA ARG A 253 -17.32 19.71 23.84
C ARG A 253 -17.61 18.41 23.10
N LEU A 254 -17.56 17.29 23.82
CA LEU A 254 -17.80 15.99 23.21
C LEU A 254 -19.27 15.80 22.91
N VAL A 255 -19.58 15.18 21.78
CA VAL A 255 -20.96 14.89 21.44
C VAL A 255 -21.35 13.49 21.90
N ALA B 13 -12.55 3.99 7.88
CA ALA B 13 -11.19 3.90 8.42
C ALA B 13 -10.15 4.35 7.39
N PRO B 14 -9.32 5.33 7.77
CA PRO B 14 -8.43 5.98 6.80
C PRO B 14 -7.14 5.20 6.51
N ASP B 15 -6.85 4.13 7.25
CA ASP B 15 -5.63 3.37 6.97
C ASP B 15 -5.84 2.56 5.69
N GLU B 16 -4.76 2.05 5.12
CA GLU B 16 -4.82 1.35 3.85
C GLU B 16 -5.74 0.14 3.89
N GLU B 17 -5.54 -0.73 4.88
CA GLU B 17 -6.39 -1.90 5.02
C GLU B 17 -7.84 -1.49 5.30
N GLY B 18 -8.01 -0.51 6.17
CA GLY B 18 -9.33 -0.01 6.51
C GLY B 18 -10.06 0.52 5.29
N TRP B 19 -9.32 1.21 4.42
CA TRP B 19 -9.93 1.75 3.21
C TRP B 19 -10.36 0.64 2.26
N VAL B 20 -9.45 -0.32 2.03
CA VAL B 20 -9.75 -1.47 1.18
C VAL B 20 -10.97 -2.23 1.71
N TRP B 21 -11.02 -2.44 3.02
CA TRP B 21 -12.16 -3.15 3.62
C TRP B 21 -13.43 -2.36 3.37
N GLY B 22 -13.35 -1.04 3.53
CA GLY B 22 -14.48 -0.16 3.26
C GLY B 22 -15.00 -0.29 1.83
N GLN B 23 -14.08 -0.39 0.88
CA GLN B 23 -14.44 -0.61 -0.52
C GLN B 23 -15.13 -1.97 -0.71
N ILE B 24 -14.58 -3.00 -0.08
CA ILE B 24 -15.14 -4.34 -0.17
C ILE B 24 -16.60 -4.29 0.32
N LYS B 25 -16.83 -3.64 1.46
CA LYS B 25 -18.20 -3.61 1.99
C LYS B 25 -19.14 -2.88 1.06
N ALA B 26 -18.72 -1.71 0.57
CA ALA B 26 -19.57 -0.91 -0.30
C ALA B 26 -19.94 -1.71 -1.56
N GLU B 27 -18.95 -2.39 -2.13
CA GLU B 27 -19.17 -3.20 -3.32
C GLU B 27 -20.10 -4.39 -3.05
N ALA B 28 -19.88 -5.06 -1.92
CA ALA B 28 -20.73 -6.19 -1.57
C ALA B 28 -22.18 -5.74 -1.37
N ARG B 29 -22.36 -4.56 -0.78
CA ARG B 29 -23.68 -4.00 -0.55
C ARG B 29 -24.42 -3.74 -1.86
N ARG B 30 -23.72 -3.20 -2.86
CA ARG B 30 -24.35 -2.97 -4.15
C ARG B 30 -24.72 -4.29 -4.81
N ASP B 31 -23.84 -5.29 -4.70
CA ASP B 31 -24.11 -6.60 -5.29
C ASP B 31 -25.30 -7.27 -4.60
N ALA B 32 -25.37 -7.14 -3.27
CA ALA B 32 -26.49 -7.74 -2.54
C ALA B 32 -27.80 -7.08 -2.93
N GLU B 33 -27.76 -5.76 -3.11
CA GLU B 33 -28.99 -5.06 -3.47
C GLU B 33 -29.45 -5.42 -4.87
N SER B 34 -28.51 -5.74 -5.77
CA SER B 34 -28.90 -5.99 -7.15
C SER B 34 -29.20 -7.47 -7.41
N GLU B 35 -28.68 -8.36 -6.57
CA GLU B 35 -28.88 -9.80 -6.82
C GLU B 35 -29.40 -10.55 -5.59
N PRO B 36 -30.71 -10.72 -5.52
CA PRO B 36 -31.30 -11.33 -4.34
C PRO B 36 -30.85 -12.77 -4.14
N ALA B 37 -30.41 -13.48 -5.19
CA ALA B 37 -29.91 -14.85 -5.01
C ALA B 37 -28.62 -14.90 -4.20
N LEU B 38 -27.89 -13.79 -4.17
CA LEU B 38 -26.58 -13.75 -3.51
C LEU B 38 -26.60 -12.89 -2.23
N ALA B 39 -27.71 -12.21 -1.97
CA ALA B 39 -27.77 -11.23 -0.87
C ALA B 39 -27.41 -11.81 0.49
N SER B 40 -27.96 -12.98 0.83
CA SER B 40 -27.71 -13.55 2.15
C SER B 40 -26.25 -14.00 2.31
N TYR B 41 -25.71 -14.55 1.24
CA TYR B 41 -24.33 -15.01 1.26
C TYR B 41 -23.36 -13.82 1.39
N LEU B 42 -23.70 -12.71 0.74
CA LEU B 42 -22.86 -11.51 0.85
C LEU B 42 -22.99 -10.92 2.25
N TYR B 43 -24.19 -11.00 2.82
CA TYR B 43 -24.37 -10.55 4.20
C TYR B 43 -23.60 -11.41 5.21
N SER B 44 -23.74 -12.73 5.13
N SER B 44 -23.78 -12.73 5.12
CA SER B 44 -23.07 -13.58 6.12
CA SER B 44 -23.09 -13.67 6.01
C SER B 44 -21.54 -13.54 5.97
C SER B 44 -21.58 -13.51 5.95
N THR B 45 -21.06 -13.47 4.73
CA THR B 45 -19.61 -13.47 4.49
C THR B 45 -18.95 -12.11 4.74
N ILE B 46 -19.54 -11.04 4.22
CA ILE B 46 -18.92 -9.73 4.29
C ILE B 46 -19.66 -8.71 5.17
N LEU B 47 -20.92 -8.42 4.85
CA LEU B 47 -21.59 -7.24 5.44
C LEU B 47 -21.82 -7.37 6.96
N SER B 48 -21.90 -8.60 7.45
CA SER B 48 -22.15 -8.81 8.88
C SER B 48 -20.88 -8.73 9.72
N HIS B 49 -19.75 -8.48 9.06
CA HIS B 49 -18.46 -8.43 9.75
C HIS B 49 -17.88 -7.05 9.75
N SER B 50 -16.86 -6.84 10.57
N SER B 50 -16.85 -6.85 10.56
CA SER B 50 -16.22 -5.53 10.66
CA SER B 50 -16.21 -5.54 10.69
C SER B 50 -14.72 -5.57 10.34
C SER B 50 -14.72 -5.58 10.37
N SER B 51 -14.25 -6.70 9.80
CA SER B 51 -12.86 -6.77 9.38
C SER B 51 -12.68 -7.67 8.17
N LEU B 52 -11.64 -7.39 7.41
CA LEU B 52 -11.23 -8.23 6.30
C LEU B 52 -10.86 -9.63 6.78
N GLU B 53 -10.17 -9.69 7.92
CA GLU B 53 -9.68 -10.96 8.44
C GLU B 53 -10.81 -11.92 8.76
N ARG B 54 -11.84 -11.40 9.43
CA ARG B 54 -12.92 -12.28 9.83
C ARG B 54 -13.70 -12.73 8.60
N SER B 55 -13.91 -11.83 7.65
N SER B 55 -13.91 -11.81 7.66
CA SER B 55 -14.65 -12.20 6.44
CA SER B 55 -14.62 -12.12 6.42
C SER B 55 -13.89 -13.22 5.60
C SER B 55 -13.89 -13.19 5.61
N LEU B 56 -12.58 -13.00 5.46
CA LEU B 56 -11.75 -13.96 4.72
C LEU B 56 -11.73 -15.32 5.41
N SER B 57 -11.62 -15.32 6.74
CA SER B 57 -11.60 -16.59 7.49
C SER B 57 -12.93 -17.33 7.35
N PHE B 58 -14.03 -16.58 7.45
CA PHE B 58 -15.38 -17.10 7.28
C PHE B 58 -15.52 -17.75 5.90
N HIS B 59 -15.08 -17.04 4.87
CA HIS B 59 -15.20 -17.52 3.50
C HIS B 59 -14.33 -18.76 3.27
N LEU B 60 -13.07 -18.68 3.67
CA LEU B 60 -12.16 -19.81 3.48
C LEU B 60 -12.67 -21.04 4.24
N GLY B 61 -13.22 -20.82 5.43
CA GLY B 61 -13.77 -21.92 6.21
C GLY B 61 -14.87 -22.65 5.48
N ASN B 62 -15.76 -21.89 4.84
CA ASN B 62 -16.81 -22.51 4.05
C ASN B 62 -16.28 -23.15 2.77
N LYS B 63 -15.39 -22.46 2.08
CA LYS B 63 -14.87 -22.99 0.83
C LYS B 63 -14.15 -24.32 1.01
N LEU B 64 -13.43 -24.45 2.12
CA LEU B 64 -12.51 -25.57 2.29
C LEU B 64 -13.03 -26.70 3.19
N CYS B 65 -14.22 -26.54 3.76
CA CYS B 65 -14.71 -27.56 4.68
C CYS B 65 -14.99 -28.88 3.93
N SER B 66 -15.05 -29.95 4.69
CA SER B 66 -15.25 -31.28 4.12
C SER B 66 -15.84 -32.13 5.23
N SER B 67 -16.10 -33.41 4.98
CA SER B 67 -16.57 -34.25 6.08
C SER B 67 -15.47 -34.44 7.14
N THR B 68 -14.23 -34.19 6.76
CA THR B 68 -13.13 -34.31 7.73
C THR B 68 -12.97 -33.04 8.56
N LEU B 69 -13.22 -31.89 7.95
CA LEU B 69 -12.90 -30.58 8.52
C LEU B 69 -14.13 -29.67 8.56
N LEU B 70 -14.71 -29.44 9.74
CA LEU B 70 -15.89 -28.56 9.85
C LEU B 70 -15.57 -27.16 9.39
N SER B 71 -16.54 -26.49 8.77
CA SER B 71 -16.33 -25.11 8.39
C SER B 71 -16.05 -24.22 9.62
N THR B 72 -16.72 -24.50 10.74
CA THR B 72 -16.48 -23.70 11.95
C THR B 72 -15.05 -23.94 12.50
N LEU B 73 -14.54 -25.16 12.38
CA LEU B 73 -13.16 -25.44 12.77
C LEU B 73 -12.17 -24.66 11.90
N LEU B 74 -12.37 -24.76 10.59
CA LEU B 74 -11.48 -24.03 9.68
C LEU B 74 -11.60 -22.52 9.87
N TYR B 75 -12.81 -22.04 10.09
CA TYR B 75 -13.04 -20.61 10.40
C TYR B 75 -12.18 -20.18 11.60
N ASP B 76 -12.20 -20.97 12.68
CA ASP B 76 -11.36 -20.72 13.85
C ASP B 76 -9.87 -20.72 13.51
N LEU B 77 -9.45 -21.75 12.78
CA LEU B 77 -8.04 -21.89 12.40
C LEU B 77 -7.55 -20.67 11.64
N PHE B 78 -8.30 -20.25 10.65
CA PHE B 78 -7.89 -19.10 9.85
C PHE B 78 -7.94 -17.82 10.66
N LEU B 79 -9.00 -17.64 11.44
CA LEU B 79 -9.13 -16.43 12.20
C LEU B 79 -8.00 -16.30 13.23
N ASN B 80 -7.70 -17.40 13.93
CA ASN B 80 -6.60 -17.41 14.89
C ASN B 80 -5.27 -17.06 14.24
N ALA B 81 -5.04 -17.61 13.05
CA ALA B 81 -3.80 -17.32 12.34
C ALA B 81 -3.68 -15.82 12.00
N PHE B 82 -4.73 -15.25 11.42
CA PHE B 82 -4.69 -13.85 11.01
C PHE B 82 -4.58 -12.91 12.20
N SER B 83 -5.29 -13.24 13.28
CA SER B 83 -5.28 -12.40 14.47
C SER B 83 -3.94 -12.44 15.19
N SER B 84 -3.17 -13.51 14.98
CA SER B 84 -1.93 -13.69 15.72
C SER B 84 -0.69 -13.31 14.91
N ASP B 85 -0.88 -13.10 13.61
CA ASP B 85 0.26 -12.93 12.70
C ASP B 85 0.07 -11.71 11.79
N PRO B 86 0.53 -10.53 12.22
CA PRO B 86 0.37 -9.28 11.47
C PRO B 86 0.87 -9.40 10.02
N SER B 87 1.87 -10.26 9.82
CA SER B 87 2.44 -10.47 8.50
C SER B 87 1.42 -11.08 7.54
N LEU B 88 0.56 -11.96 8.04
CA LEU B 88 -0.46 -12.58 7.18
C LEU B 88 -1.48 -11.54 6.72
N ARG B 89 -1.83 -10.62 7.62
CA ARG B 89 -2.77 -9.55 7.28
C ARG B 89 -2.18 -8.61 6.23
N SER B 90 -0.91 -8.24 6.40
CA SER B 90 -0.23 -7.40 5.43
C SER B 90 -0.18 -8.05 4.06
N ALA B 91 0.04 -9.36 4.04
CA ALA B 91 0.16 -10.11 2.79
C ALA B 91 -1.18 -10.16 2.06
N ALA B 92 -2.26 -10.35 2.81
CA ALA B 92 -3.58 -10.42 2.21
C ALA B 92 -3.93 -9.09 1.53
N VAL B 93 -3.66 -7.99 2.22
CA VAL B 93 -3.88 -6.67 1.65
C VAL B 93 -2.99 -6.46 0.41
N ALA B 94 -1.72 -6.85 0.51
CA ALA B 94 -0.81 -6.68 -0.63
C ALA B 94 -1.32 -7.48 -1.84
N ASP B 95 -1.85 -8.66 -1.60
CA ASP B 95 -2.32 -9.52 -2.69
C ASP B 95 -3.61 -8.97 -3.31
N LEU B 96 -4.48 -8.38 -2.48
CA LEU B 96 -5.68 -7.70 -2.96
C LEU B 96 -5.31 -6.51 -3.83
N ARG B 97 -4.33 -5.75 -3.36
CA ARG B 97 -3.81 -4.60 -4.11
C ARG B 97 -3.20 -5.07 -5.43
N ALA B 98 -2.49 -6.19 -5.42
CA ALA B 98 -1.85 -6.67 -6.65
C ALA B 98 -2.89 -7.05 -7.70
N ALA B 99 -4.00 -7.65 -7.26
CA ALA B 99 -5.08 -8.01 -8.18
C ALA B 99 -5.74 -6.76 -8.74
N ARG B 100 -6.03 -5.81 -7.84
CA ARG B 100 -6.67 -4.57 -8.22
C ARG B 100 -5.83 -3.80 -9.24
N GLU B 101 -4.51 -3.89 -9.10
CA GLU B 101 -3.60 -3.13 -9.95
C GLU B 101 -3.18 -3.86 -11.22
N ARG B 102 -2.98 -5.17 -11.14
CA ARG B 102 -2.33 -5.91 -12.23
C ARG B 102 -3.21 -6.96 -12.93
N ASP B 103 -4.36 -7.31 -12.34
CA ASP B 103 -5.25 -8.29 -12.99
C ASP B 103 -5.75 -7.75 -14.31
N PRO B 104 -5.49 -8.49 -15.40
CA PRO B 104 -5.92 -8.08 -16.74
C PRO B 104 -7.43 -7.94 -16.84
N ALA B 105 -8.17 -8.71 -16.04
CA ALA B 105 -9.62 -8.65 -16.08
C ALA B 105 -10.16 -7.55 -15.16
N CYS B 106 -9.25 -6.79 -14.55
CA CYS B 106 -9.60 -5.63 -13.73
C CYS B 106 -10.59 -5.95 -12.62
N VAL B 107 -10.21 -6.89 -11.76
CA VAL B 107 -11.13 -7.31 -10.72
C VAL B 107 -11.27 -6.27 -9.59
N SER B 108 -12.50 -6.10 -9.11
CA SER B 108 -12.78 -5.31 -7.91
C SER B 108 -12.28 -6.01 -6.65
N TYR B 109 -12.14 -5.28 -5.54
CA TYR B 109 -11.66 -5.87 -4.31
C TYR B 109 -12.59 -6.97 -3.79
N SER B 110 -13.88 -6.71 -3.76
CA SER B 110 -14.80 -7.69 -3.18
C SER B 110 -14.87 -8.94 -4.06
N HIS B 111 -14.75 -8.76 -5.37
CA HIS B 111 -14.84 -9.91 -6.26
C HIS B 111 -13.57 -10.73 -6.14
N CYS B 112 -12.45 -10.05 -5.90
CA CYS B 112 -11.19 -10.77 -5.69
C CYS B 112 -11.33 -11.59 -4.41
N LEU B 113 -11.77 -10.93 -3.34
CA LEU B 113 -11.95 -11.59 -2.06
C LEU B 113 -12.83 -12.83 -2.15
N LEU B 114 -13.95 -12.71 -2.87
CA LEU B 114 -14.93 -13.78 -2.91
C LEU B 114 -14.68 -14.84 -3.97
N ASN B 115 -14.20 -14.43 -5.13
CA ASN B 115 -14.23 -15.31 -6.31
C ASN B 115 -12.89 -15.71 -6.90
N TYR B 116 -11.82 -15.03 -6.53
CA TYR B 116 -10.55 -15.29 -7.19
C TYR B 116 -9.80 -16.43 -6.51
N LYS B 117 -9.70 -17.55 -7.22
CA LYS B 117 -9.22 -18.80 -6.63
C LYS B 117 -7.74 -18.68 -6.28
N GLY B 118 -6.99 -17.98 -7.12
CA GLY B 118 -5.57 -17.79 -6.84
C GLY B 118 -5.37 -17.04 -5.54
N PHE B 119 -6.02 -15.90 -5.43
CA PHE B 119 -5.99 -15.10 -4.20
C PHE B 119 -6.35 -15.93 -2.97
N LEU B 120 -7.46 -16.66 -3.05
CA LEU B 120 -7.95 -17.41 -1.90
C LEU B 120 -6.99 -18.54 -1.53
N ALA B 121 -6.58 -19.31 -2.53
CA ALA B 121 -5.64 -20.40 -2.32
C ALA B 121 -4.35 -19.89 -1.69
N CYS B 122 -3.92 -18.71 -2.13
CA CYS B 122 -2.69 -18.14 -1.63
C CYS B 122 -2.81 -17.78 -0.14
N GLN B 123 -3.91 -17.16 0.26
CA GLN B 123 -4.04 -16.79 1.66
C GLN B 123 -4.13 -18.05 2.53
N ALA B 124 -4.87 -19.05 2.06
CA ALA B 124 -5.00 -20.30 2.79
C ALA B 124 -3.64 -21.01 2.88
N HIS B 125 -2.88 -20.93 1.79
CA HIS B 125 -1.54 -21.52 1.79
C HIS B 125 -0.64 -20.87 2.84
N ARG B 126 -0.75 -19.55 3.02
CA ARG B 126 0.07 -18.85 3.99
C ARG B 126 -0.20 -19.39 5.40
N VAL B 127 -1.45 -19.75 5.67
CA VAL B 127 -1.79 -20.38 6.95
C VAL B 127 -1.26 -21.81 7.03
N ALA B 128 -1.36 -22.57 5.94
CA ALA B 128 -0.73 -23.90 5.89
C ALA B 128 0.77 -23.80 6.15
N HIS B 129 1.42 -22.78 5.59
CA HIS B 129 2.85 -22.61 5.77
C HIS B 129 3.18 -22.31 7.23
N LEU B 130 2.33 -21.50 7.86
CA LEU B 130 2.49 -21.20 9.28
C LEU B 130 2.35 -22.46 10.13
N LEU B 131 1.31 -23.26 9.86
CA LEU B 131 1.14 -24.55 10.54
C LEU B 131 2.35 -25.44 10.35
N TRP B 132 2.87 -25.48 9.13
CA TRP B 132 4.08 -26.26 8.82
C TRP B 132 5.23 -25.82 9.70
N ARG B 133 5.38 -24.51 9.85
CA ARG B 133 6.44 -23.93 10.69
C ARG B 133 6.22 -24.15 12.18
N GLN B 134 4.95 -24.26 12.58
CA GLN B 134 4.57 -24.48 13.98
C GLN B 134 4.51 -25.97 14.34
N SER B 135 5.15 -26.81 13.54
CA SER B 135 5.17 -28.26 13.76
C SER B 135 3.78 -28.92 13.80
N ARG B 136 2.87 -28.41 12.98
CA ARG B 136 1.59 -29.08 12.74
C ARG B 136 1.54 -29.49 11.26
N ARG B 137 2.47 -30.36 10.88
CA ARG B 137 2.60 -30.73 9.47
C ARG B 137 1.47 -31.64 8.94
N PRO B 138 1.01 -32.64 9.72
CA PRO B 138 -0.18 -33.35 9.22
C PRO B 138 -1.35 -32.42 8.91
N LEU B 139 -1.63 -31.45 9.78
CA LEU B 139 -2.73 -30.53 9.53
C LEU B 139 -2.40 -29.59 8.36
N ALA B 140 -1.16 -29.13 8.27
CA ALA B 140 -0.74 -28.31 7.14
C ALA B 140 -1.00 -29.04 5.83
N LEU B 141 -0.68 -30.32 5.81
CA LEU B 141 -0.84 -31.11 4.59
C LEU B 141 -2.32 -31.36 4.30
N ALA B 142 -3.12 -31.56 5.36
CA ALA B 142 -4.56 -31.73 5.18
C ALA B 142 -5.16 -30.48 4.56
N LEU B 143 -4.72 -29.33 5.04
CA LEU B 143 -5.22 -28.05 4.54
C LEU B 143 -4.81 -27.89 3.08
N HIS B 144 -3.54 -28.19 2.80
CA HIS B 144 -2.98 -28.11 1.46
C HIS B 144 -3.76 -28.98 0.46
N SER B 145 -4.12 -30.19 0.87
CA SER B 145 -4.93 -31.07 0.03
CA SER B 145 -4.93 -31.07 0.03
C SER B 145 -6.26 -30.44 -0.35
N ARG B 146 -6.93 -29.80 0.62
CA ARG B 146 -8.21 -29.15 0.37
C ARG B 146 -8.06 -27.96 -0.57
N ILE B 147 -6.99 -27.19 -0.36
CA ILE B 147 -6.72 -26.03 -1.21
C ILE B 147 -6.58 -26.49 -2.66
N ALA B 148 -5.86 -27.59 -2.86
CA ALA B 148 -5.69 -28.16 -4.19
C ALA B 148 -7.04 -28.61 -4.78
N ASN B 149 -7.79 -29.37 -3.99
CA ASN B 149 -9.14 -29.81 -4.33
C ASN B 149 -10.04 -28.68 -4.80
N VAL B 150 -10.10 -27.62 -3.99
CA VAL B 150 -11.11 -26.59 -4.17
C VAL B 150 -10.67 -25.46 -5.10
N PHE B 151 -9.41 -25.07 -5.01
CA PHE B 151 -8.96 -23.91 -5.77
C PHE B 151 -8.06 -24.28 -6.93
N ALA B 152 -7.85 -25.58 -7.12
CA ALA B 152 -6.98 -26.08 -8.18
C ALA B 152 -5.60 -25.43 -8.14
N VAL B 153 -5.13 -25.17 -6.92
CA VAL B 153 -3.81 -24.63 -6.68
C VAL B 153 -3.02 -25.59 -5.78
N ASP B 154 -1.88 -26.07 -6.26
CA ASP B 154 -1.07 -27.03 -5.51
C ASP B 154 0.24 -26.39 -5.12
N ILE B 155 0.24 -25.78 -3.93
CA ILE B 155 1.43 -25.18 -3.36
C ILE B 155 1.78 -25.93 -2.08
N HIS B 156 2.95 -26.55 -2.07
CA HIS B 156 3.36 -27.31 -0.89
C HIS B 156 3.50 -26.37 0.31
N PRO B 157 3.03 -26.80 1.49
CA PRO B 157 3.10 -25.94 2.68
C PRO B 157 4.50 -25.39 2.97
N ALA B 158 5.54 -26.14 2.61
CA ALA B 158 6.92 -25.70 2.87
C ALA B 158 7.44 -24.70 1.85
N ALA B 159 6.68 -24.46 0.77
CA ALA B 159 7.07 -23.43 -0.19
C ALA B 159 7.10 -22.06 0.48
N ARG B 160 8.03 -21.20 0.05
CA ARG B 160 8.09 -19.85 0.59
C ARG B 160 7.64 -18.86 -0.47
N ILE B 161 6.58 -18.10 -0.18
CA ILE B 161 6.08 -17.13 -1.13
CA ILE B 161 6.02 -17.14 -1.12
C ILE B 161 5.98 -15.75 -0.48
N GLY B 162 6.29 -14.72 -1.26
CA GLY B 162 6.25 -13.35 -0.75
C GLY B 162 4.84 -12.79 -0.88
N LYS B 163 4.72 -11.47 -0.96
CA LYS B 163 3.40 -10.87 -1.08
C LYS B 163 3.28 -9.98 -2.31
N GLY B 164 2.04 -9.57 -2.60
CA GLY B 164 1.75 -8.88 -3.85
C GLY B 164 1.77 -9.86 -5.02
N ILE B 165 1.31 -11.08 -4.76
CA ILE B 165 1.34 -12.16 -5.73
C ILE B 165 0.08 -12.17 -6.58
N LEU B 166 0.24 -12.23 -7.88
CA LEU B 166 -0.89 -12.25 -8.79
C LEU B 166 -1.01 -13.59 -9.46
N PHE B 167 -2.17 -14.21 -9.33
CA PHE B 167 -2.45 -15.40 -10.12
C PHE B 167 -3.33 -15.02 -11.27
N ASP B 168 -3.33 -15.87 -12.28
CA ASP B 168 -4.21 -15.67 -13.39
C ASP B 168 -4.66 -17.02 -13.90
N HIS B 169 -5.94 -17.32 -13.72
CA HIS B 169 -6.47 -18.63 -14.00
C HIS B 169 -5.62 -19.67 -13.28
N ALA B 170 -5.73 -19.64 -11.96
CA ALA B 170 -4.88 -20.41 -11.05
C ALA B 170 -5.00 -21.92 -11.24
N THR B 171 -6.05 -22.36 -11.92
CA THR B 171 -6.27 -23.78 -12.09
C THR B 171 -5.00 -24.43 -12.61
N GLY B 172 -4.56 -25.45 -11.89
CA GLY B 172 -3.44 -26.24 -12.34
C GLY B 172 -2.05 -25.70 -12.05
N VAL B 173 -1.96 -24.66 -11.23
N VAL B 173 -1.96 -24.67 -11.22
CA VAL B 173 -0.63 -24.20 -10.84
CA VAL B 173 -0.64 -24.17 -10.81
C VAL B 173 -0.03 -25.21 -9.87
C VAL B 173 -0.02 -25.15 -9.82
N VAL B 174 1.27 -25.42 -10.01
CA VAL B 174 2.01 -26.33 -9.12
C VAL B 174 3.27 -25.63 -8.65
N VAL B 175 3.44 -25.55 -7.33
CA VAL B 175 4.64 -24.98 -6.72
C VAL B 175 5.19 -26.01 -5.73
N GLY B 176 6.38 -26.50 -6.00
CA GLY B 176 6.94 -27.58 -5.21
C GLY B 176 7.50 -27.18 -3.85
N GLU B 177 7.76 -28.21 -3.05
CA GLU B 177 8.20 -28.11 -1.65
C GLU B 177 9.35 -27.18 -1.37
N THR B 178 10.32 -27.10 -2.28
CA THR B 178 11.54 -26.36 -2.02
C THR B 178 11.62 -25.09 -2.86
N ALA B 179 10.50 -24.73 -3.47
CA ALA B 179 10.44 -23.50 -4.26
C ALA B 179 10.41 -22.25 -3.39
N VAL B 180 10.93 -21.15 -3.95
N VAL B 180 10.98 -21.16 -3.89
CA VAL B 180 10.88 -19.84 -3.30
CA VAL B 180 10.78 -19.87 -3.25
C VAL B 180 10.39 -18.79 -4.28
C VAL B 180 10.30 -18.88 -4.30
N ILE B 181 9.36 -18.03 -3.89
CA ILE B 181 8.82 -17.00 -4.77
C ILE B 181 8.89 -15.65 -4.07
N GLY B 182 9.48 -14.66 -4.74
CA GLY B 182 9.63 -13.33 -4.15
C GLY B 182 8.33 -12.55 -4.13
N ASN B 183 8.45 -11.24 -3.90
CA ASN B 183 7.31 -10.34 -3.88
C ASN B 183 6.92 -9.88 -5.27
N ASN B 184 5.66 -9.50 -5.43
CA ASN B 184 5.18 -8.86 -6.66
C ASN B 184 5.43 -9.72 -7.91
N VAL B 185 5.28 -11.03 -7.74
CA VAL B 185 5.43 -11.98 -8.82
C VAL B 185 4.06 -12.27 -9.42
N SER B 186 4.04 -12.47 -10.74
CA SER B 186 2.81 -12.86 -11.43
C SER B 186 2.97 -14.25 -12.02
N ILE B 187 2.06 -15.13 -11.66
CA ILE B 187 2.09 -16.51 -12.11
C ILE B 187 0.82 -16.83 -12.88
N LEU B 188 0.95 -17.09 -14.17
CA LEU B 188 -0.24 -17.24 -14.98
C LEU B 188 -0.68 -18.71 -15.02
N HIS B 189 -1.62 -18.99 -15.90
CA HIS B 189 -2.25 -20.30 -15.98
C HIS B 189 -1.28 -21.43 -16.26
N HIS B 190 -1.44 -22.54 -15.52
CA HIS B 190 -0.71 -23.77 -15.78
C HIS B 190 0.80 -23.61 -15.67
N VAL B 191 1.22 -22.82 -14.70
CA VAL B 191 2.64 -22.69 -14.44
C VAL B 191 3.04 -23.82 -13.50
N THR B 192 4.18 -24.42 -13.80
CA THR B 192 4.74 -25.43 -12.92
C THR B 192 6.11 -24.99 -12.43
N LEU B 193 6.22 -24.84 -11.12
CA LEU B 193 7.50 -24.60 -10.49
C LEU B 193 7.83 -25.89 -9.73
N GLY B 194 8.45 -26.82 -10.43
CA GLY B 194 8.66 -28.16 -9.89
C GLY B 194 10.03 -28.73 -10.20
N GLY B 195 10.10 -30.06 -10.25
CA GLY B 195 11.36 -30.74 -10.40
C GLY B 195 11.40 -31.71 -11.56
N THR B 196 12.55 -32.33 -11.74
CA THR B 196 12.81 -33.23 -12.86
C THR B 196 12.37 -34.66 -12.59
N GLY B 197 11.98 -34.94 -11.35
CA GLY B 197 11.67 -36.30 -10.95
C GLY B 197 12.77 -36.86 -10.07
N LYS B 198 13.83 -36.06 -9.88
CA LYS B 198 14.90 -36.41 -8.96
C LYS B 198 14.40 -36.42 -7.51
N VAL B 199 14.80 -37.43 -6.74
CA VAL B 199 14.30 -37.62 -5.39
C VAL B 199 15.07 -36.84 -4.32
N GLY B 200 14.34 -36.04 -3.54
CA GLY B 200 14.89 -35.39 -2.36
C GLY B 200 15.65 -34.10 -2.61
N GLY B 201 15.90 -33.38 -1.51
CA GLY B 201 16.75 -32.20 -1.55
C GLY B 201 16.16 -30.99 -2.24
N ASP B 202 16.95 -29.91 -2.27
CA ASP B 202 16.58 -28.68 -2.96
C ASP B 202 16.51 -28.95 -4.46
N ARG B 203 15.32 -28.80 -5.04
CA ARG B 203 15.07 -29.28 -6.39
C ARG B 203 14.01 -28.49 -7.13
N HIS B 204 13.60 -27.36 -6.54
CA HIS B 204 12.57 -26.52 -7.14
C HIS B 204 13.07 -25.08 -7.32
N PRO B 205 12.48 -24.35 -8.28
CA PRO B 205 13.01 -23.03 -8.68
C PRO B 205 13.00 -21.95 -7.60
N LYS B 206 13.87 -20.97 -7.77
CA LYS B 206 13.88 -19.77 -6.95
C LYS B 206 13.50 -18.57 -7.81
N ILE B 207 12.37 -17.96 -7.51
CA ILE B 207 11.82 -16.88 -8.33
C ILE B 207 12.04 -15.50 -7.69
N GLY B 208 12.76 -14.63 -8.38
CA GLY B 208 13.06 -13.29 -7.86
C GLY B 208 11.86 -12.36 -7.81
N ASP B 209 12.01 -11.25 -7.10
CA ASP B 209 10.98 -10.22 -7.02
C ASP B 209 10.58 -9.76 -8.41
N GLY B 210 9.29 -9.50 -8.61
CA GLY B 210 8.83 -8.81 -9.80
C GLY B 210 8.83 -9.62 -11.09
N VAL B 211 8.98 -10.93 -10.97
CA VAL B 211 9.05 -11.80 -12.14
C VAL B 211 7.66 -12.06 -12.71
N LEU B 212 7.58 -12.14 -14.03
CA LEU B 212 6.35 -12.51 -14.71
C LEU B 212 6.54 -13.86 -15.41
N ILE B 213 5.75 -14.85 -15.00
CA ILE B 213 5.82 -16.19 -15.59
C ILE B 213 4.57 -16.47 -16.43
N GLY B 214 4.77 -16.62 -17.73
CA GLY B 214 3.69 -16.75 -18.69
C GLY B 214 2.97 -18.08 -18.66
N ALA B 215 1.81 -18.11 -19.33
CA ALA B 215 0.91 -19.27 -19.27
C ALA B 215 1.58 -20.55 -19.77
N GLY B 216 1.39 -21.63 -19.00
CA GLY B 216 1.89 -22.93 -19.36
C GLY B 216 3.39 -23.12 -19.20
N ALA B 217 4.07 -22.13 -18.62
CA ALA B 217 5.51 -22.22 -18.44
C ALA B 217 5.86 -23.26 -17.40
N THR B 218 6.89 -24.05 -17.67
CA THR B 218 7.39 -25.03 -16.72
C THR B 218 8.83 -24.68 -16.38
N ILE B 219 9.11 -24.53 -15.10
CA ILE B 219 10.44 -24.20 -14.64
C ILE B 219 10.89 -25.32 -13.70
N LEU B 220 11.92 -26.05 -14.10
CA LEU B 220 12.27 -27.26 -13.37
C LEU B 220 13.66 -27.23 -12.78
N GLY B 221 13.77 -27.71 -11.55
CA GLY B 221 15.06 -27.87 -10.92
C GLY B 221 15.36 -26.71 -10.00
N ASN B 222 16.47 -26.80 -9.27
CA ASN B 222 16.89 -25.70 -8.43
C ASN B 222 17.65 -24.67 -9.25
N ILE B 223 16.90 -23.88 -10.00
CA ILE B 223 17.48 -22.81 -10.80
C ILE B 223 16.92 -21.46 -10.36
N LYS B 224 17.64 -20.40 -10.71
CA LYS B 224 17.29 -19.03 -10.32
C LYS B 224 16.62 -18.29 -11.45
N ILE B 225 15.44 -17.73 -11.21
CA ILE B 225 14.86 -16.79 -12.16
C ILE B 225 15.03 -15.39 -11.62
N GLY B 226 15.91 -14.63 -12.27
CA GLY B 226 16.30 -13.32 -11.79
C GLY B 226 15.19 -12.31 -11.62
N GLU B 227 15.40 -11.38 -10.68
CA GLU B 227 14.47 -10.32 -10.40
C GLU B 227 14.09 -9.54 -11.65
N GLY B 228 12.79 -9.31 -11.82
CA GLY B 228 12.30 -8.52 -12.93
C GLY B 228 12.28 -9.26 -14.26
N ALA B 229 12.68 -10.52 -14.26
CA ALA B 229 12.75 -11.27 -15.51
C ALA B 229 11.36 -11.66 -15.99
N LYS B 230 11.26 -12.05 -17.25
CA LYS B 230 10.00 -12.51 -17.81
C LYS B 230 10.22 -13.88 -18.43
N VAL B 231 9.26 -14.78 -18.20
CA VAL B 231 9.28 -16.08 -18.85
C VAL B 231 8.10 -16.18 -19.82
N GLY B 232 8.39 -16.42 -21.10
CA GLY B 232 7.37 -16.44 -22.11
C GLY B 232 6.45 -17.63 -21.95
N ALA B 233 5.22 -17.48 -22.45
CA ALA B 233 4.26 -18.56 -22.39
C ALA B 233 4.80 -19.84 -23.04
N GLY B 234 4.47 -20.97 -22.44
CA GLY B 234 4.83 -22.27 -22.98
C GLY B 234 6.29 -22.66 -22.83
N SER B 235 7.08 -21.82 -22.15
CA SER B 235 8.51 -22.09 -22.04
C SER B 235 8.80 -23.28 -21.13
N VAL B 236 9.88 -23.98 -21.44
CA VAL B 236 10.44 -24.95 -20.51
C VAL B 236 11.80 -24.44 -20.11
N VAL B 237 11.90 -23.94 -18.88
CA VAL B 237 13.12 -23.29 -18.42
C VAL B 237 13.93 -24.24 -17.55
N LEU B 238 15.14 -24.55 -18.00
CA LEU B 238 15.98 -25.52 -17.30
C LEU B 238 17.30 -24.89 -16.84
N ILE B 239 17.51 -23.63 -17.21
CA ILE B 239 18.72 -22.90 -16.82
C ILE B 239 18.39 -21.60 -16.09
N ASP B 240 19.40 -21.01 -15.46
CA ASP B 240 19.26 -19.72 -14.78
C ASP B 240 18.91 -18.60 -15.75
N VAL B 241 17.95 -17.78 -15.37
CA VAL B 241 17.58 -16.59 -16.13
C VAL B 241 18.05 -15.37 -15.37
N PRO B 242 18.93 -14.57 -15.99
CA PRO B 242 19.47 -13.36 -15.34
C PRO B 242 18.38 -12.34 -15.04
N PRO B 243 18.61 -11.47 -14.05
CA PRO B 243 17.66 -10.40 -13.72
C PRO B 243 17.28 -9.56 -14.93
N ARG B 244 16.01 -9.21 -15.02
CA ARG B 244 15.44 -8.35 -16.07
C ARG B 244 15.84 -8.74 -17.48
N THR B 245 15.84 -10.04 -17.74
CA THR B 245 15.96 -10.57 -19.09
C THR B 245 14.73 -11.41 -19.39
N THR B 246 14.52 -11.72 -20.67
CA THR B 246 13.38 -12.55 -21.05
C THR B 246 13.85 -13.90 -21.54
N ALA B 247 13.19 -14.95 -21.07
CA ALA B 247 13.47 -16.31 -21.50
C ALA B 247 12.24 -16.89 -22.20
N VAL B 248 12.43 -17.47 -23.38
CA VAL B 248 11.30 -18.05 -24.08
C VAL B 248 11.73 -19.26 -24.91
N GLY B 249 10.84 -20.23 -25.05
CA GLY B 249 11.11 -21.40 -25.84
C GLY B 249 11.19 -22.71 -25.07
N ASN B 250 11.22 -23.79 -25.83
CA ASN B 250 11.38 -25.14 -25.31
C ASN B 250 12.47 -25.86 -26.08
N PRO B 251 13.70 -25.91 -25.51
CA PRO B 251 14.07 -25.34 -24.21
C PRO B 251 14.24 -23.83 -24.27
N ALA B 252 14.08 -23.17 -23.12
CA ALA B 252 14.10 -21.71 -23.06
C ALA B 252 15.50 -21.15 -23.32
N ARG B 253 15.55 -20.10 -24.14
CA ARG B 253 16.77 -19.34 -24.33
C ARG B 253 16.50 -17.86 -24.07
N LEU B 254 17.56 -17.12 -23.73
CA LEU B 254 17.44 -15.69 -23.48
C LEU B 254 17.27 -14.95 -24.81
N VAL B 255 16.38 -13.97 -24.82
CA VAL B 255 16.11 -13.22 -26.04
C VAL B 255 17.10 -12.07 -26.20
#